data_3V9T
#
_entry.id   3V9T
#
_cell.length_a   38.889
_cell.length_b   54.614
_cell.length_c   66.797
_cell.angle_alpha   90.00
_cell.angle_beta   92.35
_cell.angle_gamma   90.00
#
_symmetry.space_group_name_H-M   'P 1 21 1'
#
loop_
_entity.id
_entity.type
_entity.pdbx_description
1 polymer 'Peroxisome proliferator-activated receptor gamma'
2 polymer 'Peptide from Peroxisome proliferator-activated receptor gamma coactivator 1-alpha'
3 non-polymer (9aS)-8-acetyl-N-[(3-ethoxynaphthalen-1-yl)methyl]-1,7-dihydroxy-3-methoxy-9a-methyl-9-oxo-9,9a-dihydrodibenzo[b,d]furan-4-carboxamide
4 water water
#
loop_
_entity_poly.entity_id
_entity_poly.type
_entity_poly.pdbx_seq_one_letter_code
_entity_poly.pdbx_strand_id
1 'polypeptide(L)'
;MRGSHHHHHHGPESADLRALAKHLYDSYIKSFPLTKAKARAILTGKTTDKSPFVIYDMNSLMMGEDKIKFKHITPLQEQS
KEVAIRIFQGCQFRSVEAVQEITEYAKSIPGFVNLDLNDQVTLLKYGVHEIIYTMLASLMNKDGVLISEGQGFMTREFLK
SLRKPFGDFMEPKFEFAVKFNALELDDSDLAIFIAVIILSGDRPGLLNVKPIEDIQDNLLQALELQLKLNHPESSQLFAK
LLQKMTDLRQIVTEHVQLLQVIKKTETDMSLHPLLQEIYKDLY
;
A
2 'polypeptide(L)' QEAEEPSLLKKLLLAPANT C
#
loop_
_chem_comp.id
_chem_comp.type
_chem_comp.name
_chem_comp.formula
17L non-polymer (9aS)-8-acetyl-N-[(3-ethoxynaphthalen-1-yl)methyl]-1,7-dihydroxy-3-methoxy-9a-methyl-9-oxo-9,9a-dihydrodibenzo[b,d]furan-4-carboxamide 'C30 H27 N O8'
#
# COMPACT_ATOMS: atom_id res chain seq x y z
N PRO A 12 2.21 -11.13 -30.89
CA PRO A 12 3.50 -10.94 -30.16
C PRO A 12 3.45 -9.75 -29.20
N GLU A 13 2.78 -8.68 -29.60
CA GLU A 13 2.59 -7.52 -28.72
C GLU A 13 1.84 -7.91 -27.44
N SER A 14 0.71 -8.60 -27.61
CA SER A 14 -0.05 -9.10 -26.49
C SER A 14 0.75 -10.12 -25.69
N ALA A 15 1.48 -10.99 -26.37
CA ALA A 15 2.34 -11.95 -25.66
C ALA A 15 3.34 -11.23 -24.76
N ASP A 16 3.92 -10.14 -25.25
CA ASP A 16 4.88 -9.38 -24.46
C ASP A 16 4.21 -8.70 -23.26
N LEU A 17 2.97 -8.26 -23.44
CA LEU A 17 2.21 -7.67 -22.32
C LEU A 17 1.89 -8.70 -21.22
N ARG A 18 1.67 -9.95 -21.61
CA ARG A 18 1.48 -11.03 -20.64
C ARG A 18 2.79 -11.38 -19.94
N ALA A 19 3.89 -11.35 -20.69
CA ALA A 19 5.21 -11.58 -20.10
C ALA A 19 5.54 -10.51 -19.09
N LEU A 20 5.23 -9.26 -19.42
CA LEU A 20 5.38 -8.15 -18.50
C LEU A 20 4.52 -8.33 -17.25
N ALA A 21 3.24 -8.66 -17.45
CA ALA A 21 2.35 -8.96 -16.31
C ALA A 21 2.97 -10.00 -15.37
N LYS A 22 3.48 -11.08 -15.95
CA LYS A 22 4.06 -12.16 -15.16
C LYS A 22 5.33 -11.71 -14.44
N HIS A 23 6.17 -10.94 -15.13
CA HIS A 23 7.38 -10.39 -14.52
C HIS A 23 7.01 -9.56 -13.29
N LEU A 24 6.01 -8.69 -13.45
CA LEU A 24 5.56 -7.85 -12.34
C LEU A 24 5.03 -8.69 -11.19
N TYR A 25 4.22 -9.70 -11.49
CA TYR A 25 3.71 -10.58 -10.44
C TYR A 25 4.86 -11.27 -9.70
N ASP A 26 5.81 -11.84 -10.45
CA ASP A 26 6.93 -12.54 -9.83
C ASP A 26 7.75 -11.61 -8.93
N SER A 27 7.93 -10.36 -9.38
CA SER A 27 8.65 -9.34 -8.60
C SER A 27 7.86 -8.92 -7.37
N TYR A 28 6.54 -8.85 -7.52
CA TYR A 28 5.65 -8.51 -6.44
C TYR A 28 5.75 -9.57 -5.33
N ILE A 29 5.79 -10.84 -5.74
CA ILE A 29 5.91 -11.94 -4.80
C ILE A 29 7.25 -11.91 -4.06
N LYS A 30 8.31 -11.47 -4.73
CA LYS A 30 9.63 -11.38 -4.09
C LYS A 30 9.74 -10.18 -3.15
N SER A 31 9.00 -9.11 -3.46
CA SER A 31 9.10 -7.84 -2.73
C SER A 31 8.18 -7.73 -1.52
N PHE A 32 7.00 -8.37 -1.61
CA PHE A 32 5.95 -8.25 -0.62
C PHE A 32 5.64 -9.60 0.02
N PRO A 33 6.19 -9.84 1.22
CA PRO A 33 5.93 -11.09 1.95
C PRO A 33 4.45 -11.40 2.17
N LEU A 34 3.66 -10.35 2.44
CA LEU A 34 2.25 -10.45 2.84
C LEU A 34 1.28 -10.26 1.67
N THR A 35 1.08 -11.31 0.88
CA THR A 35 0.25 -11.24 -0.33
C THR A 35 -1.23 -11.33 0.02
N LYS A 36 -2.09 -10.90 -0.91
CA LYS A 36 -3.52 -10.99 -0.70
C LYS A 36 -3.95 -12.45 -0.63
N ALA A 37 -3.32 -13.31 -1.44
CA ALA A 37 -3.59 -14.74 -1.41
C ALA A 37 -3.34 -15.29 -0.01
N LYS A 38 -2.16 -15.01 0.55
CA LYS A 38 -1.79 -15.48 1.89
C LYS A 38 -2.70 -14.89 2.95
N ALA A 39 -3.03 -13.60 2.80
CA ALA A 39 -3.89 -12.91 3.76
C ALA A 39 -5.30 -13.48 3.77
N ARG A 40 -5.86 -13.77 2.60
CA ARG A 40 -7.20 -14.35 2.51
C ARG A 40 -7.21 -15.79 3.04
N ALA A 41 -6.12 -16.52 2.84
CA ALA A 41 -5.99 -17.87 3.42
C ALA A 41 -6.08 -17.81 4.95
N ILE A 42 -5.50 -16.77 5.54
CA ILE A 42 -5.55 -16.58 6.99
C ILE A 42 -6.93 -16.12 7.44
N LEU A 43 -7.45 -15.07 6.80
CA LEU A 43 -8.73 -14.46 7.19
C LEU A 43 -9.91 -15.44 7.08
N THR A 44 -9.97 -16.18 5.97
CA THR A 44 -11.06 -17.13 5.75
C THR A 44 -10.86 -18.43 6.54
N GLY A 45 -9.63 -18.69 6.98
CA GLY A 45 -9.31 -19.85 7.80
C GLY A 45 -8.74 -21.05 7.06
N LYS A 46 -8.46 -20.89 5.77
CA LYS A 46 -7.95 -22.00 4.95
C LYS A 46 -6.42 -22.14 5.06
N THR A 47 -5.93 -22.36 6.27
CA THR A 47 -4.48 -22.51 6.50
C THR A 47 -4.23 -23.45 7.69
N THR A 48 -3.20 -24.29 7.56
CA THR A 48 -2.75 -25.15 8.65
C THR A 48 -2.06 -24.31 9.74
N ASP A 49 -1.37 -23.25 9.31
CA ASP A 49 -0.61 -22.36 10.19
C ASP A 49 -1.45 -21.81 11.34
N LYS A 50 -0.76 -21.25 12.33
CA LYS A 50 -1.39 -20.73 13.55
C LYS A 50 -2.47 -19.69 13.21
N SER A 51 -3.58 -19.76 13.93
CA SER A 51 -4.63 -18.75 13.84
C SER A 51 -4.12 -17.46 14.46
N PRO A 52 -4.45 -16.30 13.86
CA PRO A 52 -3.98 -15.04 14.44
C PRO A 52 -4.57 -14.75 15.82
N PHE A 53 -3.77 -14.10 16.68
CA PHE A 53 -4.27 -13.65 17.98
C PHE A 53 -5.14 -12.43 17.77
N VAL A 54 -6.37 -12.47 18.28
CA VAL A 54 -7.34 -11.41 18.05
C VAL A 54 -7.25 -10.35 19.15
N ILE A 55 -7.05 -9.10 18.74
CA ILE A 55 -7.00 -7.96 19.67
C ILE A 55 -8.22 -7.07 19.42
N TYR A 56 -9.13 -7.03 20.40
CA TYR A 56 -10.43 -6.37 20.26
C TYR A 56 -10.74 -5.35 21.36
N ASP A 57 -9.85 -5.26 22.35
CA ASP A 57 -9.97 -4.29 23.43
C ASP A 57 -8.62 -4.10 24.13
N MET A 58 -8.59 -3.25 25.14
CA MET A 58 -7.38 -2.95 25.88
C MET A 58 -6.78 -4.18 26.54
N ASN A 59 -7.65 -5.01 27.11
CA ASN A 59 -7.21 -6.22 27.80
C ASN A 59 -6.53 -7.21 26.86
N SER A 60 -7.17 -7.48 25.72
CA SER A 60 -6.60 -8.39 24.71
C SER A 60 -5.31 -7.82 24.09
N LEU A 61 -5.24 -6.50 23.97
CA LEU A 61 -4.00 -5.86 23.48
C LEU A 61 -2.84 -6.18 24.42
N MET A 62 -3.07 -5.98 25.72
CA MET A 62 -2.06 -6.30 26.73
C MET A 62 -1.62 -7.75 26.64
N MET A 63 -2.58 -8.67 26.52
CA MET A 63 -2.27 -10.11 26.47
C MET A 63 -1.46 -10.49 25.24
N GLY A 64 -1.79 -9.87 24.10
CA GLY A 64 -1.17 -10.24 22.83
C GLY A 64 0.16 -9.56 22.50
N GLU A 65 0.67 -8.74 23.41
CA GLU A 65 1.91 -7.98 23.17
C GLU A 65 3.05 -8.80 22.60
N ASP A 66 3.24 -10.02 23.11
CA ASP A 66 4.35 -10.87 22.66
C ASP A 66 4.06 -11.61 21.35
N LYS A 67 2.77 -11.76 21.01
CA LYS A 67 2.37 -12.42 19.77
C LYS A 67 2.49 -11.48 18.57
N ILE A 68 2.45 -10.16 18.82
CA ILE A 68 2.52 -9.16 17.75
C ILE A 68 3.83 -8.37 17.81
N SER A 80 5.39 3.21 28.84
CA SER A 80 4.69 4.25 29.60
C SER A 80 3.77 5.11 28.73
N LYS A 81 3.69 4.81 27.44
CA LYS A 81 2.84 5.57 26.51
C LYS A 81 1.44 4.97 26.44
N GLU A 82 0.45 5.83 26.27
CA GLU A 82 -0.95 5.38 26.20
C GLU A 82 -1.19 4.54 24.94
N VAL A 83 -2.23 3.71 24.99
CA VAL A 83 -2.51 2.73 23.95
C VAL A 83 -2.62 3.35 22.55
N ALA A 84 -3.37 4.44 22.42
CA ALA A 84 -3.56 5.09 21.13
C ALA A 84 -2.24 5.48 20.47
N ILE A 85 -1.32 6.01 21.28
CA ILE A 85 0.01 6.38 20.80
C ILE A 85 0.82 5.15 20.42
N ARG A 86 0.73 4.10 21.24
CA ARG A 86 1.45 2.84 21.02
C ARG A 86 1.05 2.25 19.67
N ILE A 87 -0.26 2.23 19.41
CA ILE A 87 -0.81 1.67 18.18
C ILE A 87 -0.44 2.53 16.97
N PHE A 88 -0.47 3.86 17.13
CA PHE A 88 -0.07 4.78 16.08
C PHE A 88 1.40 4.58 15.69
N GLN A 89 2.27 4.44 16.69
CA GLN A 89 3.68 4.14 16.43
C GLN A 89 3.86 2.81 15.70
N GLY A 90 3.01 1.83 16.03
CA GLY A 90 3.00 0.54 15.36
C GLY A 90 2.69 0.67 13.87
N CYS A 91 1.66 1.45 13.55
CA CYS A 91 1.32 1.74 12.15
C CYS A 91 2.51 2.39 11.44
N GLN A 92 3.16 3.33 12.11
CA GLN A 92 4.34 4.01 11.54
C GLN A 92 5.45 3.03 11.18
N PHE A 93 5.79 2.12 12.09
CA PHE A 93 6.86 1.18 11.85
C PHE A 93 6.54 0.20 10.72
N ARG A 94 5.29 -0.27 10.66
CA ARG A 94 4.86 -1.09 9.52
C ARG A 94 4.93 -0.29 8.21
N SER A 95 4.49 0.97 8.22
CA SER A 95 4.58 1.84 7.04
C SER A 95 6.03 2.02 6.56
N VAL A 96 6.94 2.20 7.50
CA VAL A 96 8.37 2.29 7.18
C VAL A 96 8.84 1.02 6.47
N GLU A 97 8.47 -0.13 7.01
CA GLU A 97 8.79 -1.41 6.38
C GLU A 97 8.17 -1.50 4.99
N ALA A 98 6.93 -1.04 4.86
CA ALA A 98 6.22 -1.07 3.58
C ALA A 98 6.89 -0.17 2.54
N VAL A 99 7.31 1.03 2.95
CA VAL A 99 8.01 1.91 2.02
C VAL A 99 9.23 1.22 1.43
N GLN A 100 9.96 0.48 2.25
CA GLN A 100 11.15 -0.24 1.77
C GLN A 100 10.79 -1.37 0.80
N GLU A 101 9.70 -2.09 1.06
CA GLU A 101 9.20 -3.12 0.16
C GLU A 101 8.79 -2.54 -1.20
N ILE A 102 8.06 -1.43 -1.13
CA ILE A 102 7.58 -0.73 -2.32
C ILE A 102 8.74 -0.22 -3.16
N THR A 103 9.77 0.32 -2.51
CA THR A 103 10.97 0.78 -3.20
C THR A 103 11.63 -0.38 -3.96
N GLU A 104 11.76 -1.53 -3.29
CA GLU A 104 12.33 -2.68 -3.98
C GLU A 104 11.49 -3.12 -5.18
N TYR A 105 10.18 -3.10 -5.02
CA TYR A 105 9.29 -3.45 -6.12
C TYR A 105 9.43 -2.45 -7.28
N ALA A 106 9.49 -1.16 -6.94
CA ALA A 106 9.61 -0.13 -7.97
C ALA A 106 10.86 -0.34 -8.82
N LYS A 107 11.95 -0.72 -8.15
CA LYS A 107 13.22 -0.95 -8.85
C LYS A 107 13.19 -2.15 -9.79
N SER A 108 12.19 -3.01 -9.66
CA SER A 108 11.99 -4.13 -10.59
C SER A 108 11.15 -3.79 -11.83
N ILE A 109 10.53 -2.60 -11.85
CA ILE A 109 9.68 -2.20 -12.97
C ILE A 109 10.60 -1.78 -14.14
N PRO A 110 10.45 -2.43 -15.31
CA PRO A 110 11.38 -2.12 -16.40
C PRO A 110 11.42 -0.63 -16.72
N GLY A 111 12.64 -0.09 -16.80
CA GLY A 111 12.85 1.34 -17.05
C GLY A 111 12.99 2.23 -15.83
N PHE A 112 12.50 1.80 -14.66
CA PHE A 112 12.48 2.66 -13.49
C PHE A 112 13.88 3.08 -13.02
N VAL A 113 14.82 2.13 -12.87
CA VAL A 113 16.13 2.49 -12.34
C VAL A 113 16.98 3.31 -13.31
N ASN A 114 16.58 3.36 -14.58
CA ASN A 114 17.23 4.19 -15.58
C ASN A 114 16.71 5.63 -15.59
N LEU A 115 15.61 5.92 -14.90
CA LEU A 115 15.13 7.29 -14.76
C LEU A 115 16.12 8.14 -13.96
N ASP A 116 16.11 9.44 -14.22
CA ASP A 116 16.79 10.40 -13.35
C ASP A 116 16.51 10.05 -11.89
N LEU A 117 17.55 9.98 -11.07
CA LEU A 117 17.42 9.52 -9.68
C LEU A 117 16.48 10.39 -8.86
N ASN A 118 16.51 11.70 -9.11
CA ASN A 118 15.62 12.60 -8.41
C ASN A 118 14.17 12.36 -8.79
N ASP A 119 13.93 11.95 -10.05
CA ASP A 119 12.58 11.57 -10.48
C ASP A 119 12.14 10.28 -9.82
N GLN A 120 13.05 9.32 -9.67
CA GLN A 120 12.73 8.11 -8.90
C GLN A 120 12.27 8.46 -7.48
N VAL A 121 13.01 9.36 -6.83
CA VAL A 121 12.65 9.82 -5.49
C VAL A 121 11.25 10.45 -5.48
N THR A 122 10.99 11.31 -6.45
CA THR A 122 9.69 11.96 -6.57
C THR A 122 8.54 10.97 -6.74
N LEU A 123 8.75 9.96 -7.57
CA LEU A 123 7.72 8.95 -7.80
C LEU A 123 7.41 8.19 -6.52
N LEU A 124 8.43 7.84 -5.74
CA LEU A 124 8.18 7.15 -4.48
C LEU A 124 7.51 8.08 -3.47
N LYS A 125 8.01 9.31 -3.36
CA LYS A 125 7.51 10.26 -2.38
C LYS A 125 6.00 10.42 -2.47
N TYR A 126 5.52 10.59 -3.70
CA TYR A 126 4.09 10.80 -3.97
C TYR A 126 3.30 9.51 -4.12
N GLY A 127 4.00 8.40 -4.35
CA GLY A 127 3.35 7.14 -4.65
C GLY A 127 3.17 6.22 -3.46
N VAL A 128 4.10 6.24 -2.51
CA VAL A 128 4.13 5.19 -1.49
C VAL A 128 2.86 5.09 -0.65
N HIS A 129 2.30 6.21 -0.24
CA HIS A 129 1.10 6.12 0.60
C HIS A 129 -0.13 5.66 -0.16
N GLU A 130 -0.22 5.99 -1.44
CA GLU A 130 -1.29 5.43 -2.27
C GLU A 130 -1.17 3.90 -2.33
N ILE A 131 0.06 3.40 -2.45
CA ILE A 131 0.29 1.96 -2.50
C ILE A 131 0.08 1.34 -1.12
N ILE A 132 0.43 2.06 -0.06
CA ILE A 132 0.20 1.54 1.29
C ILE A 132 -1.29 1.34 1.52
N TYR A 133 -2.13 2.32 1.15
CA TYR A 133 -3.59 2.16 1.25
C TYR A 133 -4.06 0.94 0.46
N THR A 134 -3.55 0.81 -0.76
CA THR A 134 -3.91 -0.31 -1.64
C THR A 134 -3.57 -1.65 -1.02
N MET A 135 -2.36 -1.77 -0.52
CA MET A 135 -1.86 -3.03 -0.01
C MET A 135 -2.43 -3.37 1.37
N LEU A 136 -2.73 -2.34 2.16
CA LEU A 136 -3.43 -2.51 3.42
C LEU A 136 -4.78 -3.22 3.22
N ALA A 137 -5.50 -2.86 2.15
CA ALA A 137 -6.78 -3.49 1.83
C ALA A 137 -6.66 -5.01 1.72
N SER A 138 -5.55 -5.50 1.18
CA SER A 138 -5.31 -6.95 1.04
C SER A 138 -5.35 -7.68 2.39
N LEU A 139 -5.01 -6.97 3.46
CA LEU A 139 -4.91 -7.55 4.79
C LEU A 139 -6.13 -7.23 5.66
N MET A 140 -7.15 -6.62 5.05
CA MET A 140 -8.34 -6.19 5.79
C MET A 140 -9.60 -6.91 5.34
N ASN A 141 -10.55 -7.05 6.26
CA ASN A 141 -11.95 -7.26 5.92
C ASN A 141 -12.76 -6.19 6.65
N LYS A 142 -14.08 -6.30 6.61
CA LYS A 142 -14.93 -5.32 7.25
C LYS A 142 -14.76 -5.31 8.77
N ASP A 143 -14.22 -6.41 9.33
CA ASP A 143 -14.11 -6.59 10.77
C ASP A 143 -12.74 -6.24 11.37
N GLY A 144 -11.68 -6.17 10.57
CA GLY A 144 -10.36 -5.84 11.13
C GLY A 144 -9.20 -6.02 10.17
N VAL A 145 -7.99 -5.96 10.72
CA VAL A 145 -6.77 -5.98 9.91
C VAL A 145 -5.75 -6.96 10.46
N LEU A 146 -5.11 -7.69 9.55
CA LEU A 146 -3.98 -8.55 9.91
C LEU A 146 -2.74 -7.70 10.18
N ILE A 147 -2.06 -8.00 11.28
CA ILE A 147 -0.83 -7.33 11.66
C ILE A 147 0.25 -8.37 11.99
N SER A 148 1.50 -7.92 12.07
CA SER A 148 2.62 -8.77 12.46
C SER A 148 2.72 -10.02 11.60
N GLU A 149 2.78 -9.82 10.29
CA GLU A 149 2.88 -10.91 9.31
C GLU A 149 1.74 -11.92 9.43
N GLY A 150 0.56 -11.44 9.83
CA GLY A 150 -0.61 -12.30 9.99
C GLY A 150 -0.70 -13.05 11.31
N GLN A 151 0.16 -12.71 12.27
CA GLN A 151 0.15 -13.36 13.60
C GLN A 151 -0.86 -12.70 14.53
N GLY A 152 -1.29 -11.48 14.20
CA GLY A 152 -2.31 -10.78 14.97
C GLY A 152 -3.45 -10.32 14.08
N PHE A 153 -4.63 -10.14 14.67
CA PHE A 153 -5.76 -9.53 14.00
C PHE A 153 -6.36 -8.49 14.93
N MET A 154 -6.28 -7.22 14.54
CA MET A 154 -6.81 -6.14 15.35
C MET A 154 -8.13 -5.68 14.76
N THR A 155 -9.16 -5.59 15.60
CA THR A 155 -10.51 -5.31 15.09
C THR A 155 -10.66 -3.85 14.70
N ARG A 156 -11.46 -3.63 13.67
CA ARG A 156 -11.80 -2.30 13.19
C ARG A 156 -12.46 -1.48 14.29
N GLU A 157 -13.34 -2.14 15.06
CA GLU A 157 -14.08 -1.48 16.14
C GLU A 157 -13.14 -0.98 17.24
N PHE A 158 -12.16 -1.79 17.61
CA PHE A 158 -11.14 -1.37 18.57
C PHE A 158 -10.35 -0.16 18.07
N LEU A 159 -9.92 -0.20 16.81
CA LEU A 159 -9.15 0.89 16.22
C LEU A 159 -9.96 2.19 16.08
N LYS A 160 -11.22 2.06 15.68
CA LYS A 160 -12.11 3.21 15.51
C LYS A 160 -12.42 3.87 16.86
N SER A 161 -12.43 3.07 17.93
CA SER A 161 -12.76 3.56 19.27
C SER A 161 -11.62 4.30 19.96
N LEU A 162 -10.39 4.18 19.44
CA LEU A 162 -9.25 4.92 19.99
C LEU A 162 -9.56 6.40 20.02
N ARG A 163 -9.06 7.09 21.04
CA ARG A 163 -9.43 8.48 21.29
C ARG A 163 -9.05 9.39 20.13
N LYS A 164 -9.75 10.52 20.03
CA LYS A 164 -9.43 11.55 19.06
C LYS A 164 -7.99 12.03 19.30
N PRO A 165 -7.23 12.27 18.23
CA PRO A 165 -7.58 12.15 16.80
C PRO A 165 -7.18 10.80 16.17
N PHE A 166 -6.89 9.78 16.98
CA PHE A 166 -6.32 8.53 16.46
C PHE A 166 -7.35 7.57 15.84
N GLY A 167 -8.55 7.53 16.41
CA GLY A 167 -9.63 6.70 15.84
C GLY A 167 -9.96 7.07 14.40
N ASP A 168 -9.98 8.38 14.12
CA ASP A 168 -10.28 8.88 12.78
C ASP A 168 -9.09 8.78 11.81
N PHE A 169 -7.90 8.51 12.36
CA PHE A 169 -6.72 8.22 11.55
C PHE A 169 -6.79 6.80 10.99
N MET A 170 -7.37 5.88 11.77
CA MET A 170 -7.43 4.47 11.40
C MET A 170 -8.58 4.20 10.42
N GLU A 171 -9.74 4.78 10.70
CA GLU A 171 -10.98 4.39 10.02
C GLU A 171 -10.98 4.57 8.49
N PRO A 172 -10.45 5.69 7.98
CA PRO A 172 -10.44 5.85 6.51
C PRO A 172 -9.72 4.74 5.74
N LYS A 173 -8.76 4.08 6.37
CA LYS A 173 -8.06 2.99 5.73
C LYS A 173 -9.02 1.80 5.52
N PHE A 174 -9.91 1.57 6.49
CA PHE A 174 -10.93 0.53 6.36
C PHE A 174 -12.02 0.94 5.38
N GLU A 175 -12.37 2.21 5.36
CA GLU A 175 -13.39 2.73 4.45
C GLU A 175 -12.97 2.48 3.00
N PHE A 176 -11.72 2.81 2.69
CA PHE A 176 -11.17 2.53 1.37
C PHE A 176 -11.12 1.04 1.07
N ALA A 177 -10.65 0.25 2.03
CA ALA A 177 -10.50 -1.20 1.84
C ALA A 177 -11.81 -1.89 1.47
N VAL A 178 -12.89 -1.50 2.15
CA VAL A 178 -14.19 -2.09 1.88
C VAL A 178 -14.59 -1.88 0.42
N LYS A 179 -14.45 -0.64 -0.04
CA LYS A 179 -14.82 -0.30 -1.42
C LYS A 179 -13.88 -0.97 -2.42
N PHE A 180 -12.57 -0.94 -2.13
CA PHE A 180 -11.57 -1.49 -3.05
C PHE A 180 -11.66 -3.00 -3.13
N ASN A 181 -11.88 -3.67 -1.99
CA ASN A 181 -11.98 -5.13 -1.98
C ASN A 181 -13.22 -5.65 -2.70
N ALA A 182 -14.23 -4.79 -2.86
CA ALA A 182 -15.43 -5.15 -3.64
C ALA A 182 -15.08 -5.39 -5.12
N LEU A 183 -13.93 -4.88 -5.56
CA LEU A 183 -13.47 -5.10 -6.93
C LEU A 183 -12.89 -6.51 -7.16
N GLU A 184 -12.56 -7.22 -6.08
CA GLU A 184 -12.13 -8.62 -6.13
C GLU A 184 -10.86 -8.82 -6.97
N LEU A 185 -9.91 -7.89 -6.87
CA LEU A 185 -8.63 -8.04 -7.55
C LEU A 185 -7.82 -9.15 -6.89
N ASP A 186 -6.97 -9.79 -7.68
CA ASP A 186 -6.00 -10.75 -7.12
C ASP A 186 -4.59 -10.15 -7.18
N ASP A 187 -3.62 -10.89 -6.66
CA ASP A 187 -2.25 -10.39 -6.60
C ASP A 187 -1.69 -10.07 -8.00
N SER A 188 -2.06 -10.85 -9.02
CA SER A 188 -1.61 -10.61 -10.38
C SER A 188 -2.15 -9.27 -10.91
N ASP A 189 -3.41 -8.98 -10.61
CA ASP A 189 -4.00 -7.68 -10.96
C ASP A 189 -3.28 -6.55 -10.19
N LEU A 190 -3.13 -6.75 -8.88
CA LEU A 190 -2.53 -5.72 -8.02
C LEU A 190 -1.10 -5.35 -8.39
N ALA A 191 -0.30 -6.33 -8.78
CA ALA A 191 1.08 -6.06 -9.19
C ALA A 191 1.11 -4.98 -10.29
N ILE A 192 0.23 -5.12 -11.28
CA ILE A 192 0.22 -4.17 -12.42
C ILE A 192 -0.39 -2.83 -11.99
N PHE A 193 -1.48 -2.88 -11.22
CA PHE A 193 -2.13 -1.66 -10.69
C PHE A 193 -1.14 -0.81 -9.90
N ILE A 194 -0.36 -1.45 -9.02
CA ILE A 194 0.64 -0.75 -8.23
C ILE A 194 1.74 -0.13 -9.11
N ALA A 195 2.19 -0.88 -10.12
CA ALA A 195 3.19 -0.37 -11.05
C ALA A 195 2.70 0.88 -11.78
N VAL A 196 1.45 0.85 -12.22
CA VAL A 196 0.88 1.99 -12.94
C VAL A 196 0.88 3.22 -12.04
N ILE A 197 0.47 3.04 -10.78
CA ILE A 197 0.46 4.15 -9.82
C ILE A 197 1.85 4.73 -9.61
N ILE A 198 2.85 3.88 -9.42
CA ILE A 198 4.20 4.39 -9.17
C ILE A 198 4.70 5.22 -10.36
N LEU A 199 4.45 4.75 -11.58
CA LEU A 199 4.93 5.42 -12.79
C LEU A 199 3.95 6.49 -13.28
N SER A 200 3.61 7.42 -12.39
CA SER A 200 2.70 8.52 -12.71
C SER A 200 3.48 9.76 -13.13
N GLY A 201 3.30 10.16 -14.39
CA GLY A 201 4.08 11.24 -14.98
C GLY A 201 3.67 12.63 -14.56
N ASP A 202 2.60 12.74 -13.77
CA ASP A 202 2.09 14.04 -13.33
C ASP A 202 2.34 14.33 -11.85
N ARG A 203 3.27 13.59 -11.22
CA ARG A 203 3.68 13.93 -9.87
C ARG A 203 4.36 15.31 -9.87
N PRO A 204 4.05 16.14 -8.88
CA PRO A 204 4.69 17.45 -8.76
C PRO A 204 6.21 17.36 -8.78
N GLY A 205 6.85 18.22 -9.59
CA GLY A 205 8.30 18.38 -9.54
C GLY A 205 9.13 17.38 -10.34
N LEU A 206 8.48 16.55 -11.16
CA LEU A 206 9.22 15.64 -12.04
C LEU A 206 9.97 16.47 -13.08
N LEU A 207 11.19 16.04 -13.40
CA LEU A 207 12.05 16.75 -14.33
C LEU A 207 11.88 16.26 -15.78
N ASN A 208 11.83 14.94 -15.95
CA ASN A 208 11.70 14.34 -17.29
C ASN A 208 10.42 13.50 -17.37
N VAL A 209 9.36 14.10 -17.92
CA VAL A 209 8.04 13.50 -17.83
C VAL A 209 7.83 12.38 -18.86
N LYS A 210 8.25 12.60 -20.10
CA LYS A 210 7.97 11.65 -21.18
C LYS A 210 8.43 10.22 -20.91
N PRO A 211 9.67 10.03 -20.41
CA PRO A 211 10.06 8.61 -20.17
C PRO A 211 9.18 7.89 -19.18
N ILE A 212 8.66 8.61 -18.21
CA ILE A 212 7.73 8.05 -17.23
C ILE A 212 6.38 7.75 -17.88
N GLU A 213 5.86 8.71 -18.64
CA GLU A 213 4.60 8.51 -19.36
C GLU A 213 4.65 7.32 -20.32
N ASP A 214 5.78 7.17 -21.03
CA ASP A 214 5.95 6.05 -21.97
C ASP A 214 5.93 4.70 -21.23
N ILE A 215 6.56 4.63 -20.07
CA ILE A 215 6.54 3.41 -19.26
C ILE A 215 5.11 3.15 -18.79
N GLN A 216 4.45 4.19 -18.27
CA GLN A 216 3.10 4.03 -17.76
C GLN A 216 2.12 3.61 -18.86
N ASP A 217 2.28 4.16 -20.06
CA ASP A 217 1.39 3.79 -21.17
C ASP A 217 1.46 2.29 -21.42
N ASN A 218 2.67 1.72 -21.37
CA ASN A 218 2.82 0.28 -21.58
C ASN A 218 2.24 -0.52 -20.42
N LEU A 219 2.46 -0.06 -19.20
CA LEU A 219 1.91 -0.71 -18.02
C LEU A 219 0.37 -0.66 -18.04
N LEU A 220 -0.19 0.45 -18.50
CA LEU A 220 -1.64 0.55 -18.64
C LEU A 220 -2.18 -0.46 -19.67
N GLN A 221 -1.47 -0.64 -20.78
CA GLN A 221 -1.86 -1.65 -21.77
C GLN A 221 -1.82 -3.04 -21.14
N ALA A 222 -0.77 -3.31 -20.35
CA ALA A 222 -0.68 -4.61 -19.67
C ALA A 222 -1.81 -4.81 -18.67
N LEU A 223 -2.19 -3.73 -17.98
CA LEU A 223 -3.27 -3.80 -17.00
C LEU A 223 -4.60 -4.06 -17.70
N GLU A 224 -4.86 -3.36 -18.80
CA GLU A 224 -6.11 -3.55 -19.53
C GLU A 224 -6.27 -5.00 -19.98
N LEU A 225 -5.21 -5.58 -20.55
CA LEU A 225 -5.24 -6.96 -21.02
C LEU A 225 -5.40 -7.93 -19.86
N GLN A 226 -4.68 -7.68 -18.78
CA GLN A 226 -4.80 -8.49 -17.56
C GLN A 226 -6.27 -8.55 -17.09
N LEU A 227 -6.92 -7.40 -17.01
CA LEU A 227 -8.29 -7.35 -16.53
C LEU A 227 -9.28 -8.00 -17.52
N LYS A 228 -9.07 -7.81 -18.81
CA LYS A 228 -9.90 -8.46 -19.84
C LYS A 228 -9.83 -9.99 -19.75
N LEU A 229 -8.64 -10.52 -19.51
CA LEU A 229 -8.45 -11.98 -19.42
C LEU A 229 -8.84 -12.58 -18.07
N ASN A 230 -8.50 -11.88 -16.99
CA ASN A 230 -8.68 -12.39 -15.63
C ASN A 230 -10.07 -12.09 -15.06
N HIS A 231 -10.72 -11.06 -15.60
CA HIS A 231 -12.07 -10.66 -15.17
C HIS A 231 -12.95 -10.42 -16.40
N PRO A 232 -13.14 -11.47 -17.23
CA PRO A 232 -13.85 -11.28 -18.49
C PRO A 232 -15.31 -10.81 -18.33
N GLU A 233 -15.92 -11.13 -17.21
CA GLU A 233 -17.33 -10.78 -16.96
C GLU A 233 -17.49 -9.41 -16.30
N SER A 234 -16.40 -8.65 -16.18
CA SER A 234 -16.44 -7.33 -15.56
C SER A 234 -15.75 -6.29 -16.44
N SER A 235 -16.44 -5.92 -17.53
CA SER A 235 -15.92 -4.94 -18.49
C SER A 235 -15.54 -3.60 -17.85
N GLN A 236 -16.25 -3.24 -16.78
CA GLN A 236 -16.10 -1.96 -16.11
C GLN A 236 -14.83 -1.83 -15.27
N LEU A 237 -14.12 -2.92 -15.04
CA LEU A 237 -13.11 -2.93 -13.99
C LEU A 237 -11.92 -2.01 -14.28
N PHE A 238 -11.45 -1.96 -15.52
CA PHE A 238 -10.34 -1.07 -15.87
C PHE A 238 -10.68 0.40 -15.59
N ALA A 239 -11.83 0.85 -16.10
CA ALA A 239 -12.25 2.21 -15.85
C ALA A 239 -12.41 2.51 -14.35
N LYS A 240 -12.93 1.54 -13.61
CA LYS A 240 -13.07 1.71 -12.16
C LYS A 240 -11.72 1.81 -11.48
N LEU A 241 -10.76 1.00 -11.89
CA LEU A 241 -9.40 1.11 -11.32
C LEU A 241 -8.74 2.45 -11.65
N LEU A 242 -8.93 2.97 -12.87
CA LEU A 242 -8.40 4.30 -13.22
C LEU A 242 -8.98 5.36 -12.27
N GLN A 243 -10.27 5.24 -11.94
CA GLN A 243 -10.87 6.17 -10.98
C GLN A 243 -10.29 5.99 -9.58
N LYS A 244 -10.02 4.75 -9.18
CA LYS A 244 -9.43 4.52 -7.86
C LYS A 244 -8.07 5.18 -7.73
N MET A 245 -7.31 5.23 -8.83
CA MET A 245 -6.00 5.90 -8.83
C MET A 245 -6.19 7.39 -8.55
N THR A 246 -7.23 7.97 -9.13
CA THR A 246 -7.57 9.37 -8.87
C THR A 246 -8.05 9.58 -7.43
N ASP A 247 -8.94 8.70 -6.97
CA ASP A 247 -9.48 8.77 -5.61
C ASP A 247 -8.36 8.69 -4.57
N LEU A 248 -7.37 7.84 -4.83
CA LEU A 248 -6.27 7.64 -3.89
C LEU A 248 -5.47 8.91 -3.61
N ARG A 249 -5.42 9.83 -4.56
CA ARG A 249 -4.68 11.08 -4.36
C ARG A 249 -5.39 11.94 -3.33
N GLN A 250 -6.72 12.02 -3.44
CA GLN A 250 -7.54 12.74 -2.47
C GLN A 250 -7.44 12.07 -1.10
N ILE A 251 -7.52 10.75 -1.09
CA ILE A 251 -7.43 9.95 0.15
C ILE A 251 -6.11 10.22 0.89
N VAL A 252 -5.00 10.24 0.15
CA VAL A 252 -3.69 10.45 0.77
C VAL A 252 -3.51 11.91 1.20
N THR A 253 -4.05 12.85 0.44
CA THR A 253 -3.98 14.26 0.85
C THR A 253 -4.63 14.44 2.24
N GLU A 254 -5.77 13.77 2.45
CA GLU A 254 -6.46 13.79 3.74
C GLU A 254 -5.69 13.09 4.86
N HIS A 255 -5.03 11.99 4.51
CA HIS A 255 -4.16 11.29 5.46
C HIS A 255 -3.01 12.19 5.91
N VAL A 256 -2.38 12.87 4.95
CA VAL A 256 -1.25 13.75 5.24
C VAL A 256 -1.68 14.95 6.08
N GLN A 257 -2.86 15.49 5.79
CA GLN A 257 -3.42 16.59 6.60
C GLN A 257 -3.63 16.16 8.04
N LEU A 258 -4.20 14.96 8.22
CA LEU A 258 -4.45 14.40 9.55
C LEU A 258 -3.15 14.17 10.32
N LEU A 259 -2.10 13.76 9.61
CA LEU A 259 -0.79 13.56 10.22
C LEU A 259 -0.13 14.88 10.60
N GLN A 260 -0.37 15.93 9.81
CA GLN A 260 0.08 17.28 10.17
C GLN A 260 -0.62 17.77 11.43
N VAL A 261 -1.93 17.49 11.53
CA VAL A 261 -2.72 17.82 12.71
C VAL A 261 -2.16 17.11 13.96
N ILE A 262 -1.94 15.81 13.85
CA ILE A 262 -1.38 15.01 14.94
C ILE A 262 -0.01 15.53 15.38
N LYS A 263 0.84 15.87 14.41
CA LYS A 263 2.19 16.36 14.71
C LYS A 263 2.17 17.63 15.56
N LYS A 264 1.24 18.54 15.27
CA LYS A 264 1.19 19.81 16.00
C LYS A 264 0.35 19.78 17.28
N THR A 265 -0.66 18.90 17.33
CA THR A 265 -1.58 18.87 18.47
C THR A 265 -1.22 17.84 19.55
N GLU A 266 -0.42 16.83 19.20
CA GLU A 266 0.04 15.84 20.18
C GLU A 266 1.46 16.17 20.63
N THR A 267 1.62 16.30 21.95
CA THR A 267 2.86 16.78 22.54
C THR A 267 4.00 15.76 22.42
N SER A 270 5.91 10.92 18.24
CA SER A 270 7.08 11.12 17.39
C SER A 270 6.82 10.60 15.98
N LEU A 271 7.60 11.12 15.02
CA LEU A 271 7.46 10.73 13.62
C LEU A 271 8.78 10.16 13.10
N HIS A 272 8.71 8.99 12.46
CA HIS A 272 9.89 8.31 11.94
C HIS A 272 10.53 9.16 10.85
N PRO A 273 11.89 9.27 10.83
CA PRO A 273 12.59 10.12 9.87
C PRO A 273 12.25 9.88 8.40
N LEU A 274 12.04 8.62 8.03
CA LEU A 274 11.66 8.28 6.65
C LEU A 274 10.31 8.87 6.29
N LEU A 275 9.36 8.78 7.23
CA LEU A 275 8.03 9.36 7.03
C LEU A 275 8.09 10.89 7.02
N GLN A 276 8.91 11.46 7.91
CA GLN A 276 9.13 12.91 7.94
C GLN A 276 9.63 13.39 6.58
N GLU A 277 10.56 12.66 6.00
CA GLU A 277 11.09 12.99 4.67
C GLU A 277 10.03 12.93 3.58
N ILE A 278 9.19 11.89 3.62
CA ILE A 278 8.15 11.72 2.61
C ILE A 278 7.11 12.83 2.69
N TYR A 279 6.70 13.18 3.92
CA TYR A 279 5.66 14.20 4.11
C TYR A 279 6.16 15.62 3.88
N LYS A 280 7.46 15.86 4.09
CA LYS A 280 8.01 17.21 3.94
C LYS A 280 7.79 17.74 2.53
N ASP A 281 7.07 18.86 2.44
CA ASP A 281 6.78 19.52 1.16
C ASP A 281 6.04 18.61 0.17
N LEU A 282 5.14 17.76 0.69
CA LEU A 282 4.32 16.89 -0.14
C LEU A 282 3.11 17.66 -0.66
N SER B 7 19.42 11.87 0.61
CA SER B 7 18.12 11.61 1.30
C SER B 7 17.97 10.12 1.58
N LEU B 8 17.04 9.77 2.46
CA LEU B 8 16.80 8.38 2.82
C LEU B 8 16.20 7.60 1.64
N LEU B 9 15.26 8.22 0.93
CA LEU B 9 14.70 7.57 -0.27
C LEU B 9 15.81 7.30 -1.30
N LYS B 10 16.71 8.26 -1.47
CA LYS B 10 17.80 8.11 -2.42
C LYS B 10 18.71 6.95 -2.00
N LYS B 11 18.99 6.83 -0.71
CA LYS B 11 19.81 5.72 -0.20
C LYS B 11 19.15 4.37 -0.46
N LEU B 12 17.84 4.29 -0.25
CA LEU B 12 17.10 3.05 -0.50
C LEU B 12 17.10 2.69 -1.99
N LEU B 13 16.98 3.70 -2.84
CA LEU B 13 16.95 3.49 -4.29
C LEU B 13 18.28 2.99 -4.85
N LEU B 14 19.38 3.38 -4.20
CA LEU B 14 20.73 3.10 -4.72
C LEU B 14 21.33 1.77 -4.24
N ALA B 15 20.75 1.22 -3.17
CA ALA B 15 21.21 -0.06 -2.61
C ALA B 15 20.82 -1.22 -3.53
N PRO B 16 21.84 -1.94 -4.08
CA PRO B 16 21.53 -3.14 -4.88
C PRO B 16 20.75 -4.21 -4.11
C1 17L C . 4.80 -2.69 16.33
C2 17L C . 5.42 -2.80 15.05
C3 17L C . 4.70 -2.96 13.87
C4 17L C . 3.38 -3.11 13.85
C5 17L C . 2.64 -3.31 15.19
C6 17L C . 3.38 -2.87 16.43
O7 17L C . 2.40 -3.23 12.93
C8 17L C . 1.22 -2.78 13.49
C9 17L C . 1.27 -2.77 14.89
C10 17L C . 0.04 -2.36 12.87
C11 17L C . -1.07 -1.95 13.63
C12 17L C . -1.00 -1.97 15.02
C13 17L C . 0.16 -2.40 15.65
O14 17L C . 2.77 -2.80 17.48
C15 17L C . 5.61 -2.39 17.48
C16 17L C . 5.03 -2.26 18.86
O17 17L C . 6.81 -2.26 17.37
O18 17L C . 6.76 -2.62 14.91
C19 17L C . 2.45 -4.82 15.44
O20 17L C . 0.23 -2.43 17.01
C21 17L C . -0.01 -2.33 11.39
O22 17L C . 0.52 -3.19 10.74
N23 17L C . -0.65 -1.27 10.83
C24 17L C . -0.77 -1.13 9.36
C25 17L C . -1.37 0.24 9.15
C26 17L C . -0.56 1.22 8.67
C27 17L C . -1.04 2.51 8.45
C28 17L C . -2.36 2.83 8.72
C29 17L C . -3.23 1.83 9.22
C30 17L C . -2.73 0.52 9.45
C31 17L C . -4.58 2.12 9.51
C32 17L C . -5.40 1.15 10.00
C33 17L C . -4.93 -0.15 10.21
C34 17L C . -3.62 -0.47 9.95
O35 17L C . -2.20 -1.54 12.99
C36 17L C . -3.37 -1.20 13.72
O37 17L C . -0.15 3.43 7.97
C38 17L C . -0.60 4.73 7.53
C39 17L C . -0.94 4.67 6.04
#